data_2BJS
#
_entry.id   2BJS
#
_cell.length_a   47.149
_cell.length_b   71.126
_cell.length_c   100.991
_cell.angle_alpha   90.00
_cell.angle_beta   90.00
_cell.angle_gamma   90.00
#
_symmetry.space_group_name_H-M   'P 21 21 21'
#
loop_
_entity.id
_entity.type
_entity.pdbx_description
1 polymer 'ISOPENICILLIN N SYNTHETASE'
2 non-polymer 'FE (III) ION'
3 non-polymer L-D-(A-AMINOADIPOYL)-L-CYSTEINYL-D-VALINE
4 non-polymer METHANETHIOL
5 non-polymer 'SULFATE ION'
6 water water
#
_entity_poly.entity_id   1
_entity_poly.type   'polypeptide(L)'
_entity_poly.pdbx_seq_one_letter_code
;MGSVSKANVPKIDVSPLFGDDQAAKMRVAQQIDAASRDTGFFYAVNHGINVQRLSQKTKEFHMSITPEEKWDLAIRAYNK
EHQDQVRAGYYLSIPGKKAVESFCYLNPNFTPDHPRIQAKTPTHEVNVWPDETKHPGFQDFAEQYYWDVFGLSSALLKGY
ALALGKEENFFARHFKPDDTLASVVLIRYPYLDPYPEAAIKTAADGTKLSFEWHEDVSLITVLYQSNVQNLQVETAAGYQ
DIEADDTGYLINCGSYMAHLTNNYYKAPIHRVKWVNAERQSLPFFVNLGYDSVIDPFDPREPNGKSDREPLSYGDYLQNG
LVSLI
;
_entity_poly.pdbx_strand_id   A
#
loop_
_chem_comp.id
_chem_comp.type
_chem_comp.name
_chem_comp.formula
ACV non-polymer L-D-(A-AMINOADIPOYL)-L-CYSTEINYL-D-VALINE 'C14 H25 N3 O6 S'
FE non-polymer 'FE (III) ION' 'Fe 3'
MEE non-polymer METHANETHIOL 'C H4 S'
SO4 non-polymer 'SULFATE ION' 'O4 S -2'
#
# COMPACT_ATOMS: atom_id res chain seq x y z
N SER A 3 -27.60 -0.85 10.68
CA SER A 3 -26.45 -1.23 9.84
C SER A 3 -25.35 -0.21 10.09
N VAL A 4 -24.46 -0.05 9.14
CA VAL A 4 -23.27 0.72 9.33
C VAL A 4 -23.35 1.94 8.40
N SER A 5 -22.96 3.12 8.84
CA SER A 5 -22.96 4.32 7.96
C SER A 5 -21.83 4.25 6.92
N LYS A 6 -22.00 4.90 5.77
CA LYS A 6 -21.00 4.92 4.69
C LYS A 6 -20.03 6.04 4.96
N ALA A 7 -18.76 5.71 4.86
CA ALA A 7 -17.70 6.71 5.02
C ALA A 7 -17.72 7.71 3.88
N ASN A 8 -17.38 8.94 4.18
CA ASN A 8 -17.12 9.96 3.14
C ASN A 8 -15.80 9.69 2.52
N VAL A 9 -15.77 9.21 1.28
CA VAL A 9 -14.57 8.88 0.58
C VAL A 9 -14.73 9.53 -0.82
N PRO A 10 -14.30 10.76 -0.96
CA PRO A 10 -14.53 11.47 -2.22
C PRO A 10 -13.73 10.91 -3.37
N LYS A 11 -14.19 11.06 -4.58
CA LYS A 11 -13.51 10.75 -5.79
C LYS A 11 -12.78 11.96 -6.26
N ILE A 12 -11.51 12.03 -6.34
CA ILE A 12 -10.66 13.16 -6.72
C ILE A 12 -10.04 12.85 -8.07
N ASP A 13 -10.29 13.72 -9.03
CA ASP A 13 -9.64 13.67 -10.33
C ASP A 13 -8.21 14.17 -10.17
N VAL A 14 -7.22 13.25 -10.20
CA VAL A 14 -5.82 13.60 -9.91
C VAL A 14 -5.08 13.94 -11.17
N SER A 15 -5.74 13.91 -12.33
CA SER A 15 -5.00 14.15 -13.60
C SER A 15 -4.22 15.50 -13.61
N PRO A 16 -4.66 16.60 -12.98
CA PRO A 16 -3.85 17.79 -13.02
C PRO A 16 -2.46 17.61 -12.41
N LEU A 17 -2.28 16.66 -11.52
CA LEU A 17 -0.98 16.46 -10.85
C LEU A 17 0.09 15.94 -11.82
N PHE A 18 -0.29 15.49 -13.02
CA PHE A 18 0.66 15.04 -14.07
C PHE A 18 1.05 16.18 -14.93
N GLY A 19 0.47 17.36 -14.80
CA GLY A 19 0.73 18.47 -15.77
C GLY A 19 1.28 19.74 -15.11
N ASP A 20 1.01 20.86 -15.76
CA ASP A 20 1.68 22.12 -15.46
C ASP A 20 0.73 23.26 -15.17
N ASP A 21 -0.51 22.99 -14.87
CA ASP A 21 -1.47 24.03 -14.51
C ASP A 21 -1.47 24.11 -12.96
N GLN A 22 -0.69 25.07 -12.48
CA GLN A 22 -0.41 25.12 -11.06
C GLN A 22 -1.66 25.42 -10.22
N ALA A 23 -2.57 26.29 -10.63
CA ALA A 23 -3.81 26.52 -9.88
C ALA A 23 -4.71 25.29 -9.84
N ALA A 24 -4.79 24.55 -10.96
CA ALA A 24 -5.53 23.31 -10.99
C ALA A 24 -4.91 22.31 -10.02
N LYS A 25 -3.58 22.24 -9.97
CA LYS A 25 -2.92 21.36 -9.00
C LYS A 25 -3.25 21.79 -7.59
N MET A 26 -3.28 23.11 -7.31
CA MET A 26 -3.71 23.53 -5.97
C MET A 26 -5.15 23.13 -5.61
N ARG A 27 -6.04 23.17 -6.61
CA ARG A 27 -7.41 22.73 -6.34
C ARG A 27 -7.47 21.26 -6.06
N VAL A 28 -6.62 20.43 -6.67
CA VAL A 28 -6.51 18.99 -6.31
C VAL A 28 -5.96 18.85 -4.90
N ALA A 29 -4.89 19.63 -4.59
CA ALA A 29 -4.28 19.61 -3.25
C ALA A 29 -5.30 19.95 -2.17
N GLN A 30 -6.21 20.89 -2.43
CA GLN A 30 -7.24 21.21 -1.43
C GLN A 30 -8.13 20.02 -1.20
N GLN A 31 -8.49 19.29 -2.23
CA GLN A 31 -9.34 18.12 -2.04
C GLN A 31 -8.62 17.05 -1.27
N ILE A 32 -7.32 16.87 -1.52
CA ILE A 32 -6.50 15.94 -0.77
C ILE A 32 -6.46 16.34 0.69
N ASP A 33 -6.24 17.63 0.97
CA ASP A 33 -6.23 18.14 2.34
C ASP A 33 -7.57 17.84 3.03
N ALA A 34 -8.67 18.14 2.39
CA ALA A 34 -10.00 17.94 3.00
C ALA A 34 -10.23 16.45 3.34
N ALA A 35 -9.89 15.57 2.43
CA ALA A 35 -10.08 14.14 2.68
C ALA A 35 -9.18 13.66 3.74
N SER A 36 -7.95 14.17 3.81
CA SER A 36 -6.94 13.74 4.76
C SER A 36 -7.31 14.21 6.16
N ARG A 37 -8.04 15.30 6.29
CA ARG A 37 -8.51 15.84 7.58
C ARG A 37 -9.80 15.26 7.99
N ASP A 38 -10.51 14.58 7.11
CA ASP A 38 -11.89 14.00 7.41
C ASP A 38 -11.66 12.49 7.70
N THR A 39 -12.05 11.57 6.82
CA THR A 39 -11.94 10.19 7.17
C THR A 39 -10.54 9.68 6.92
N GLY A 40 -9.76 10.35 6.10
CA GLY A 40 -8.44 9.92 5.79
C GLY A 40 -8.36 9.14 4.52
N PHE A 41 -9.40 8.92 3.78
CA PHE A 41 -9.42 8.17 2.55
C PHE A 41 -10.00 8.96 1.41
N PHE A 42 -9.51 8.72 0.20
CA PHE A 42 -10.14 9.21 -1.00
C PHE A 42 -9.86 8.23 -2.10
N TYR A 43 -10.65 8.26 -3.17
CA TYR A 43 -10.35 7.54 -4.41
C TYR A 43 -9.70 8.50 -5.40
N ALA A 44 -8.56 8.13 -5.91
CA ALA A 44 -7.91 8.79 -7.06
C ALA A 44 -8.55 8.23 -8.31
N VAL A 45 -9.12 9.12 -9.10
CA VAL A 45 -9.69 8.79 -10.40
C VAL A 45 -8.98 9.54 -11.50
N ASN A 46 -9.13 9.09 -12.74
CA ASN A 46 -8.40 9.67 -13.86
C ASN A 46 -6.91 9.53 -13.67
N HIS A 47 -6.50 8.39 -13.15
CA HIS A 47 -5.10 8.08 -12.79
C HIS A 47 -4.27 7.55 -13.89
N GLY A 48 -4.84 7.13 -15.00
CA GLY A 48 -4.09 6.68 -16.14
C GLY A 48 -3.66 5.23 -16.13
N ILE A 49 -3.86 4.48 -15.09
CA ILE A 49 -3.37 3.09 -15.02
C ILE A 49 -4.45 2.12 -15.52
N ASN A 50 -4.04 1.11 -16.29
CA ASN A 50 -4.98 0.08 -16.75
C ASN A 50 -5.19 -0.95 -15.67
N VAL A 51 -6.13 -0.66 -14.77
CA VAL A 51 -6.40 -1.56 -13.61
C VAL A 51 -7.11 -2.81 -14.00
N GLN A 52 -7.88 -2.83 -15.11
CA GLN A 52 -8.55 -4.07 -15.54
C GLN A 52 -7.48 -5.06 -15.94
N ARG A 53 -6.40 -4.60 -16.63
CA ARG A 53 -5.36 -5.51 -17.07
C ARG A 53 -4.56 -5.95 -15.88
N LEU A 54 -4.24 -5.05 -14.93
CA LEU A 54 -3.62 -5.48 -13.67
C LEU A 54 -4.44 -6.59 -13.05
N SER A 55 -5.72 -6.44 -12.91
CA SER A 55 -6.56 -7.49 -12.28
C SER A 55 -6.48 -8.78 -13.08
N GLN A 56 -6.58 -8.73 -14.42
CA GLN A 56 -6.48 -9.93 -15.23
C GLN A 56 -5.17 -10.64 -15.08
N LYS A 57 -4.05 -9.93 -15.15
CA LYS A 57 -2.75 -10.58 -15.09
C LYS A 57 -2.58 -11.18 -13.70
N THR A 58 -3.03 -10.48 -12.65
CA THR A 58 -2.93 -10.97 -11.29
C THR A 58 -3.75 -12.23 -11.10
N LYS A 59 -4.94 -12.23 -11.61
CA LYS A 59 -5.80 -13.43 -11.52
C LYS A 59 -5.09 -14.61 -12.23
N GLU A 60 -4.56 -14.36 -13.41
CA GLU A 60 -3.87 -15.49 -14.16
C GLU A 60 -2.75 -16.07 -13.30
N PHE A 61 -1.98 -15.24 -12.62
CA PHE A 61 -0.93 -15.69 -11.70
C PHE A 61 -1.49 -16.48 -10.50
N HIS A 62 -2.41 -15.85 -9.73
CA HIS A 62 -2.94 -16.47 -8.53
C HIS A 62 -3.60 -17.79 -8.83
N MET A 63 -4.29 -17.91 -9.93
CA MET A 63 -5.10 -19.13 -10.21
C MET A 63 -4.23 -20.21 -10.80
N SER A 64 -3.06 -19.93 -11.30
CA SER A 64 -2.19 -20.95 -11.91
C SER A 64 -1.00 -21.36 -11.08
N ILE A 65 -0.57 -20.60 -10.12
CA ILE A 65 0.59 -20.99 -9.32
C ILE A 65 0.23 -22.24 -8.50
N THR A 66 1.19 -23.14 -8.39
CA THR A 66 0.95 -24.45 -7.77
C THR A 66 1.60 -24.50 -6.41
N PRO A 67 1.23 -25.49 -5.58
CA PRO A 67 1.89 -25.63 -4.28
C PRO A 67 3.36 -25.74 -4.29
N GLU A 68 3.90 -26.43 -5.30
CA GLU A 68 5.32 -26.58 -5.45
C GLU A 68 6.00 -25.24 -5.61
N GLU A 69 5.43 -24.40 -6.48
CA GLU A 69 5.98 -23.09 -6.77
C GLU A 69 5.91 -22.19 -5.56
N LYS A 70 4.84 -22.31 -4.78
CA LYS A 70 4.68 -21.50 -3.56
C LYS A 70 5.75 -21.82 -2.56
N TRP A 71 6.09 -23.08 -2.34
CA TRP A 71 7.22 -23.39 -1.44
C TRP A 71 8.52 -22.81 -1.97
N ASP A 72 8.71 -22.92 -3.30
CA ASP A 72 9.94 -22.45 -3.90
C ASP A 72 10.15 -20.97 -3.82
N LEU A 73 9.08 -20.21 -3.70
CA LEU A 73 9.08 -18.75 -3.62
C LEU A 73 8.87 -18.24 -2.22
N ALA A 74 8.65 -19.12 -1.22
CA ALA A 74 8.16 -18.72 0.09
C ALA A 74 9.09 -17.84 0.87
N ILE A 75 8.53 -16.89 1.61
CA ILE A 75 9.34 -16.16 2.60
C ILE A 75 9.74 -17.07 3.76
N ARG A 76 10.67 -16.62 4.57
CA ARG A 76 11.21 -17.42 5.66
C ARG A 76 10.22 -17.84 6.71
N ALA A 77 9.10 -17.10 6.86
CA ALA A 77 8.08 -17.51 7.79
C ALA A 77 7.49 -18.88 7.44
N TYR A 78 7.52 -19.24 6.14
CA TYR A 78 6.96 -20.53 5.66
C TYR A 78 8.03 -21.48 5.24
N ASN A 79 9.27 -21.07 4.99
CA ASN A 79 10.32 -21.93 4.44
C ASN A 79 11.65 -21.52 5.10
N LYS A 80 12.15 -22.34 5.99
CA LYS A 80 13.39 -22.04 6.72
C LYS A 80 14.59 -21.95 5.82
N GLU A 81 14.57 -22.52 4.63
CA GLU A 81 15.72 -22.45 3.72
C GLU A 81 15.92 -21.06 3.14
N HIS A 82 14.95 -20.20 3.25
CA HIS A 82 14.98 -18.86 2.63
C HIS A 82 15.18 -17.74 3.62
N GLN A 83 16.30 -17.78 4.36
CA GLN A 83 16.54 -16.80 5.42
C GLN A 83 16.73 -15.35 4.95
N ASP A 84 17.05 -15.17 3.69
CA ASP A 84 17.19 -13.80 3.13
C ASP A 84 15.85 -13.21 2.70
N GLN A 85 14.77 -14.01 2.64
CA GLN A 85 13.44 -13.57 2.26
C GLN A 85 12.62 -13.21 3.41
N VAL A 86 12.62 -11.97 3.84
CA VAL A 86 11.76 -11.51 4.86
C VAL A 86 10.56 -10.84 4.29
N ARG A 87 10.75 -9.98 3.30
CA ARG A 87 9.68 -9.17 2.67
C ARG A 87 9.23 -9.83 1.35
N ALA A 88 10.14 -10.16 0.42
CA ALA A 88 9.82 -10.52 -0.95
C ALA A 88 9.60 -11.99 -1.07
N GLY A 89 8.51 -12.36 -1.75
CA GLY A 89 8.17 -13.75 -2.08
C GLY A 89 6.75 -14.05 -1.71
N TYR A 90 6.47 -15.35 -1.63
CA TYR A 90 5.11 -15.89 -1.44
C TYR A 90 4.79 -16.08 0.01
N TYR A 91 3.57 -15.68 0.39
CA TYR A 91 3.03 -15.76 1.73
C TYR A 91 1.89 -16.76 1.60
N LEU A 92 2.05 -17.96 2.08
CA LEU A 92 1.15 -19.06 1.80
C LEU A 92 -0.13 -18.98 2.64
N SER A 93 -1.23 -19.53 2.09
CA SER A 93 -2.42 -19.85 2.82
C SER A 93 -2.14 -21.12 3.63
N ILE A 94 -3.01 -21.38 4.55
CA ILE A 94 -2.95 -22.62 5.38
C ILE A 94 -4.36 -23.18 5.37
N PRO A 95 -4.74 -24.07 4.45
CA PRO A 95 -6.12 -24.48 4.34
C PRO A 95 -6.66 -24.98 5.65
N GLY A 96 -7.86 -24.61 5.99
CA GLY A 96 -8.45 -24.86 7.26
C GLY A 96 -8.17 -23.86 8.33
N LYS A 97 -7.22 -22.97 8.11
CA LYS A 97 -6.76 -22.02 9.13
C LYS A 97 -6.60 -20.58 8.67
N LYS A 98 -5.96 -20.37 7.54
CA LYS A 98 -5.59 -19.06 6.99
C LYS A 98 -6.02 -19.03 5.57
N ALA A 99 -6.97 -18.18 5.24
CA ALA A 99 -7.51 -18.15 3.86
C ALA A 99 -6.66 -17.34 2.95
N VAL A 100 -6.18 -16.20 3.36
CA VAL A 100 -5.46 -15.28 2.52
C VAL A 100 -4.12 -15.79 2.09
N GLU A 101 -3.66 -15.42 0.91
CA GLU A 101 -2.31 -15.69 0.45
C GLU A 101 -1.87 -14.51 -0.42
N SER A 102 -0.58 -14.34 -0.63
CA SER A 102 -0.13 -13.17 -1.37
C SER A 102 1.27 -13.35 -1.87
N PHE A 103 1.66 -12.48 -2.80
CA PHE A 103 3.02 -12.38 -3.37
C PHE A 103 3.52 -10.95 -3.26
N CYS A 104 4.65 -10.74 -2.65
CA CYS A 104 5.23 -9.39 -2.47
C CYS A 104 6.48 -9.24 -3.28
N TYR A 105 6.68 -8.10 -3.94
CA TYR A 105 7.90 -7.76 -4.60
C TYR A 105 8.26 -6.31 -4.31
N LEU A 106 9.55 -6.03 -4.40
CA LEU A 106 10.21 -4.77 -4.10
C LEU A 106 10.71 -4.11 -5.36
N ASN A 107 11.46 -3.02 -5.18
CA ASN A 107 12.10 -2.31 -6.28
C ASN A 107 12.84 -3.25 -7.20
N PRO A 108 12.48 -3.26 -8.49
CA PRO A 108 13.24 -4.09 -9.45
C PRO A 108 14.71 -3.70 -9.57
N ASN A 109 15.08 -2.49 -9.16
CA ASN A 109 16.48 -2.07 -9.17
C ASN A 109 17.33 -2.68 -8.04
N PHE A 110 16.71 -3.38 -7.11
CA PHE A 110 17.47 -4.10 -6.07
C PHE A 110 17.96 -5.38 -6.67
N THR A 111 19.04 -5.28 -7.39
CA THR A 111 19.75 -6.38 -8.04
C THR A 111 20.89 -6.84 -7.17
N PRO A 112 21.55 -7.96 -7.52
CA PRO A 112 22.67 -8.41 -6.72
C PRO A 112 23.75 -7.40 -6.56
N ASP A 113 24.01 -6.57 -7.55
CA ASP A 113 25.07 -5.59 -7.55
C ASP A 113 24.68 -4.25 -6.92
N HIS A 114 23.44 -4.10 -6.49
CA HIS A 114 22.98 -2.81 -5.89
C HIS A 114 23.77 -2.57 -4.62
N PRO A 115 24.30 -1.36 -4.29
CA PRO A 115 25.12 -1.19 -3.11
C PRO A 115 24.41 -1.59 -1.81
N ARG A 116 23.09 -1.43 -1.70
CA ARG A 116 22.44 -1.81 -0.42
C ARG A 116 22.26 -3.28 -0.33
N ILE A 117 22.17 -3.99 -1.44
CA ILE A 117 22.17 -5.45 -1.44
C ILE A 117 23.55 -5.97 -1.09
N GLN A 118 24.58 -5.41 -1.69
CA GLN A 118 25.98 -5.79 -1.34
C GLN A 118 26.20 -5.56 0.16
N ALA A 119 25.74 -4.46 0.68
CA ALA A 119 26.00 -4.17 2.12
C ALA A 119 25.09 -4.98 3.02
N LYS A 120 24.09 -5.69 2.48
CA LYS A 120 23.11 -6.46 3.28
C LYS A 120 22.34 -5.53 4.20
N THR A 121 21.95 -4.36 3.73
CA THR A 121 21.20 -3.44 4.54
C THR A 121 19.78 -3.99 4.82
N PRO A 122 19.31 -3.93 6.05
CA PRO A 122 17.95 -4.36 6.36
C PRO A 122 16.90 -3.71 5.42
N THR A 123 15.88 -4.47 5.19
CA THR A 123 14.70 -4.14 4.36
C THR A 123 14.93 -4.16 2.84
N HIS A 124 16.18 -4.37 2.41
CA HIS A 124 16.49 -4.51 0.98
C HIS A 124 16.69 -5.95 0.62
N GLU A 125 16.02 -6.40 -0.42
CA GLU A 125 16.16 -7.77 -0.91
C GLU A 125 16.06 -7.78 -2.40
N VAL A 126 16.60 -8.79 -3.05
CA VAL A 126 16.42 -9.09 -4.46
C VAL A 126 15.12 -9.89 -4.62
N ASN A 127 14.26 -9.40 -5.48
CA ASN A 127 13.00 -10.12 -5.73
C ASN A 127 13.20 -11.51 -6.21
N VAL A 128 12.26 -12.39 -5.90
CA VAL A 128 12.14 -13.75 -6.41
C VAL A 128 10.93 -13.86 -7.31
N TRP A 129 11.03 -14.64 -8.37
CA TRP A 129 10.06 -14.77 -9.43
C TRP A 129 9.81 -16.21 -9.77
N PRO A 130 8.57 -16.57 -10.17
CA PRO A 130 8.29 -17.89 -10.67
C PRO A 130 8.97 -18.16 -11.95
N ASP A 131 9.00 -19.41 -12.39
CA ASP A 131 9.57 -19.73 -13.64
C ASP A 131 8.88 -19.08 -14.83
N GLU A 132 9.65 -18.47 -15.72
CA GLU A 132 9.07 -17.76 -16.85
C GLU A 132 8.23 -18.66 -17.74
N THR A 133 8.65 -19.89 -17.99
CA THR A 133 7.84 -20.77 -18.83
C THR A 133 6.50 -21.15 -18.23
N LYS A 134 6.37 -21.20 -16.93
CA LYS A 134 5.10 -21.48 -16.26
C LYS A 134 4.21 -20.27 -16.17
N HIS A 135 4.82 -19.06 -16.10
CA HIS A 135 4.09 -17.79 -15.99
C HIS A 135 4.55 -16.81 -17.03
N PRO A 136 4.31 -17.09 -18.28
CA PRO A 136 4.91 -16.24 -19.32
C PRO A 136 4.45 -14.80 -19.22
N GLY A 137 5.39 -13.87 -19.30
CA GLY A 137 5.09 -12.46 -19.22
C GLY A 137 4.89 -11.91 -17.84
N PHE A 138 4.76 -12.74 -16.80
CA PHE A 138 4.39 -12.21 -15.51
C PHE A 138 5.41 -11.27 -14.87
N GLN A 139 6.64 -11.70 -14.82
CA GLN A 139 7.69 -10.85 -14.25
C GLN A 139 7.71 -9.52 -14.98
N ASP A 140 7.73 -9.52 -16.28
CA ASP A 140 7.81 -8.27 -17.01
C ASP A 140 6.60 -7.38 -16.77
N PHE A 141 5.40 -7.98 -16.72
CA PHE A 141 4.22 -7.23 -16.40
C PHE A 141 4.34 -6.60 -15.02
N ALA A 142 4.74 -7.39 -14.04
CA ALA A 142 4.79 -6.96 -12.67
C ALA A 142 5.80 -5.87 -12.45
N GLU A 143 6.95 -5.96 -13.09
CA GLU A 143 7.97 -4.91 -12.94
C GLU A 143 7.49 -3.64 -13.62
N GLN A 144 6.85 -3.71 -14.78
CA GLN A 144 6.26 -2.55 -15.43
C GLN A 144 5.17 -1.92 -14.54
N TYR A 145 4.37 -2.75 -13.90
CA TYR A 145 3.31 -2.24 -13.00
C TYR A 145 3.93 -1.46 -11.89
N TYR A 146 5.02 -1.94 -11.30
CA TYR A 146 5.76 -1.23 -10.26
C TYR A 146 6.03 0.20 -10.74
N TRP A 147 6.58 0.34 -11.95
CA TRP A 147 6.90 1.66 -12.42
C TRP A 147 5.67 2.50 -12.79
N ASP A 148 4.61 1.89 -13.23
CA ASP A 148 3.36 2.65 -13.49
C ASP A 148 2.80 3.19 -12.19
N VAL A 149 2.71 2.37 -11.13
CA VAL A 149 2.15 2.83 -9.86
C VAL A 149 3.14 3.74 -9.16
N PHE A 150 4.44 3.57 -9.35
CA PHE A 150 5.44 4.53 -8.90
C PHE A 150 5.14 5.91 -9.47
N GLY A 151 4.84 5.98 -10.74
CA GLY A 151 4.57 7.26 -11.40
C GLY A 151 3.32 7.89 -10.89
N LEU A 152 2.22 7.16 -10.65
CA LEU A 152 1.02 7.69 -10.03
C LEU A 152 1.34 8.18 -8.64
N SER A 153 2.13 7.43 -7.87
CA SER A 153 2.43 7.78 -6.52
C SER A 153 3.26 9.04 -6.46
N SER A 154 4.18 9.23 -7.36
CA SER A 154 4.97 10.47 -7.41
C SER A 154 4.05 11.64 -7.62
N ALA A 155 3.09 11.55 -8.52
CA ALA A 155 2.10 12.61 -8.72
C ALA A 155 1.27 12.83 -7.49
N LEU A 156 0.80 11.80 -6.80
CA LEU A 156 0.03 11.97 -5.58
C LEU A 156 0.86 12.68 -4.51
N LEU A 157 2.16 12.37 -4.40
CA LEU A 157 3.03 12.98 -3.45
C LEU A 157 3.20 14.46 -3.73
N LYS A 158 3.14 14.90 -4.98
CA LYS A 158 3.14 16.34 -5.32
C LYS A 158 1.90 16.95 -4.75
N GLY A 159 0.73 16.30 -4.86
CA GLY A 159 -0.48 16.83 -4.29
C GLY A 159 -0.45 16.92 -2.79
N TYR A 160 0.07 15.90 -2.10
CA TYR A 160 0.18 15.96 -0.64
C TYR A 160 1.13 17.10 -0.20
N ALA A 161 2.23 17.29 -0.89
CA ALA A 161 3.15 18.34 -0.56
C ALA A 161 2.46 19.73 -0.67
N LEU A 162 1.80 19.96 -1.81
CA LEU A 162 1.07 21.21 -1.99
C LEU A 162 0.03 21.41 -0.92
N ALA A 163 -0.69 20.32 -0.59
CA ALA A 163 -1.74 20.37 0.45
C ALA A 163 -1.23 20.88 1.78
N LEU A 164 0.03 20.51 2.09
CA LEU A 164 0.66 20.81 3.37
C LEU A 164 1.40 22.15 3.33
N GLY A 165 1.26 22.95 2.26
CA GLY A 165 1.97 24.20 2.17
C GLY A 165 3.39 24.14 1.76
N LYS A 166 3.82 23.05 1.20
CA LYS A 166 5.20 22.81 0.77
C LYS A 166 5.33 22.93 -0.73
N GLU A 167 6.55 22.99 -1.26
CA GLU A 167 6.80 22.93 -2.70
C GLU A 167 6.54 21.50 -3.14
N GLU A 168 6.20 21.30 -4.41
CA GLU A 168 5.62 20.04 -4.83
C GLU A 168 6.59 18.86 -4.78
N ASN A 169 7.91 19.10 -4.71
CA ASN A 169 8.90 17.99 -4.59
C ASN A 169 9.27 17.68 -3.15
N PHE A 170 8.54 18.15 -2.16
CA PHE A 170 8.93 18.03 -0.78
C PHE A 170 9.03 16.56 -0.37
N PHE A 171 8.08 15.72 -0.74
CA PHE A 171 8.16 14.26 -0.55
C PHE A 171 8.81 13.59 -1.71
N ALA A 172 8.46 13.95 -2.93
CA ALA A 172 8.92 13.20 -4.11
C ALA A 172 10.41 13.19 -4.31
N ARG A 173 11.12 14.20 -3.83
CA ARG A 173 12.55 14.21 -3.97
C ARG A 173 13.20 13.06 -3.18
N HIS A 174 12.51 12.46 -2.22
CA HIS A 174 12.99 11.32 -1.46
C HIS A 174 12.44 9.97 -1.98
N PHE A 175 11.73 10.00 -3.10
CA PHE A 175 11.02 8.82 -3.66
C PHE A 175 11.62 8.63 -5.04
N LYS A 176 12.66 7.79 -5.15
CA LYS A 176 13.50 7.74 -6.31
C LYS A 176 13.62 6.31 -6.80
N PRO A 177 13.68 6.09 -8.10
CA PRO A 177 13.77 4.72 -8.59
C PRO A 177 14.96 3.95 -8.15
N ASP A 178 16.09 4.57 -7.91
CA ASP A 178 17.24 3.78 -7.56
C ASP A 178 17.20 3.27 -6.17
N ASP A 179 16.41 3.83 -5.25
CA ASP A 179 16.51 3.49 -3.86
C ASP A 179 15.19 3.28 -3.13
N THR A 180 14.03 3.51 -3.71
CA THR A 180 12.80 3.39 -2.93
C THR A 180 12.59 2.01 -2.36
N LEU A 181 12.15 2.00 -1.11
CA LEU A 181 11.73 0.82 -0.36
C LEU A 181 10.28 0.42 -0.60
N ALA A 182 9.62 1.01 -1.57
CA ALA A 182 8.21 0.71 -1.86
C ALA A 182 8.05 -0.75 -2.29
N SER A 183 6.86 -1.29 -1.94
CA SER A 183 6.48 -2.68 -2.27
C SER A 183 5.11 -2.76 -2.93
N VAL A 184 4.96 -3.76 -3.78
CA VAL A 184 3.70 -4.22 -4.30
C VAL A 184 3.35 -5.54 -3.59
N VAL A 185 2.08 -5.69 -3.15
CA VAL A 185 1.58 -6.95 -2.67
C VAL A 185 0.40 -7.37 -3.48
N LEU A 186 0.40 -8.55 -4.05
CA LEU A 186 -0.71 -9.11 -4.79
C LEU A 186 -1.45 -10.12 -3.91
N ILE A 187 -2.49 -9.63 -3.24
CA ILE A 187 -3.24 -10.48 -2.25
C ILE A 187 -4.46 -11.13 -2.85
N ARG A 188 -4.58 -12.42 -2.67
CA ARG A 188 -5.76 -13.23 -3.02
C ARG A 188 -6.57 -13.46 -1.75
N TYR A 189 -7.83 -13.00 -1.75
CA TYR A 189 -8.83 -13.47 -0.75
C TYR A 189 -9.74 -14.44 -1.46
N PRO A 190 -9.80 -15.67 -1.05
CA PRO A 190 -10.55 -16.70 -1.75
C PRO A 190 -11.99 -16.81 -1.35
N TYR A 191 -12.80 -17.34 -2.27
CA TYR A 191 -14.10 -17.96 -1.93
C TYR A 191 -13.82 -19.34 -1.41
N LEU A 192 -14.37 -19.74 -0.27
CA LEU A 192 -14.21 -21.09 0.30
C LEU A 192 -15.55 -21.58 0.81
N ASP A 193 -15.87 -22.82 0.49
CA ASP A 193 -17.08 -23.45 1.00
C ASP A 193 -16.80 -24.87 1.45
N PRO A 194 -16.74 -25.13 2.75
CA PRO A 194 -17.01 -24.16 3.84
C PRO A 194 -15.83 -23.25 4.14
N TYR A 195 -16.13 -22.09 4.73
CA TYR A 195 -15.07 -21.16 5.03
C TYR A 195 -14.46 -21.49 6.41
N PRO A 196 -13.11 -21.58 6.52
CA PRO A 196 -12.44 -21.84 7.85
C PRO A 196 -12.81 -20.74 8.93
N GLU A 197 -13.49 -21.16 10.01
CA GLU A 197 -13.73 -20.23 11.17
C GLU A 197 -12.48 -19.70 11.76
N ALA A 198 -11.33 -20.43 11.74
CA ALA A 198 -10.11 -19.91 12.20
C ALA A 198 -9.52 -18.80 11.44
N ALA A 199 -10.00 -18.61 10.17
CA ALA A 199 -9.59 -17.50 9.36
C ALA A 199 -10.53 -16.31 9.48
N ILE A 200 -11.55 -16.45 10.32
CA ILE A 200 -12.47 -15.36 10.59
C ILE A 200 -12.18 -14.85 11.98
N LYS A 201 -11.86 -13.60 12.08
CA LYS A 201 -11.70 -13.02 13.33
C LYS A 201 -12.98 -12.29 13.66
N THR A 202 -13.22 -11.97 14.91
CA THR A 202 -14.40 -11.24 15.34
C THR A 202 -13.93 -9.96 16.08
N ALA A 203 -14.44 -8.77 15.69
CA ALA A 203 -14.14 -7.49 16.36
C ALA A 203 -14.92 -7.33 17.61
N ALA A 204 -14.56 -6.41 18.49
CA ALA A 204 -15.27 -6.21 19.70
C ALA A 204 -16.73 -5.84 19.47
N ASP A 205 -17.03 -5.12 18.39
CA ASP A 205 -18.39 -4.80 18.03
C ASP A 205 -19.14 -5.92 17.29
N GLY A 206 -18.57 -7.10 17.16
CA GLY A 206 -19.22 -8.27 16.62
C GLY A 206 -19.02 -8.46 15.12
N THR A 207 -18.35 -7.50 14.45
CA THR A 207 -18.14 -7.60 13.02
C THR A 207 -17.17 -8.72 12.74
N LYS A 208 -17.49 -9.58 11.77
CA LYS A 208 -16.61 -10.61 11.32
C LYS A 208 -15.57 -9.98 10.44
N LEU A 209 -14.31 -10.33 10.64
CA LEU A 209 -13.16 -9.73 10.01
C LEU A 209 -12.23 -10.69 9.31
N SER A 210 -11.55 -10.29 8.30
CA SER A 210 -10.39 -11.01 7.74
C SER A 210 -9.08 -10.37 8.16
N PHE A 211 -9.03 -9.12 8.53
CA PHE A 211 -7.75 -8.36 8.92
C PHE A 211 -8.19 -7.38 9.96
N GLU A 212 -7.55 -7.39 11.09
CA GLU A 212 -7.93 -6.59 12.22
C GLU A 212 -7.48 -5.12 12.06
N TRP A 213 -7.92 -4.29 12.97
CA TRP A 213 -7.63 -2.86 12.94
C TRP A 213 -6.17 -2.59 12.95
N HIS A 214 -5.75 -1.60 12.16
CA HIS A 214 -4.36 -1.23 12.08
C HIS A 214 -4.22 0.16 11.42
N GLU A 215 -3.03 0.75 11.59
CA GLU A 215 -2.55 1.87 10.76
C GLU A 215 -1.54 1.32 9.81
N ASP A 216 -1.44 1.89 8.63
CA ASP A 216 -0.43 1.44 7.66
C ASP A 216 1.01 1.90 7.97
N VAL A 217 1.93 0.98 7.65
CA VAL A 217 3.37 1.26 7.62
C VAL A 217 3.68 1.71 6.21
N SER A 218 3.70 3.03 6.02
CA SER A 218 3.89 3.68 4.73
C SER A 218 3.96 5.17 4.96
N LEU A 219 4.38 5.88 3.90
CA LEU A 219 4.12 7.33 3.78
C LEU A 219 2.66 7.51 3.34
N ILE A 220 2.32 6.94 2.18
CA ILE A 220 0.94 6.76 1.72
C ILE A 220 0.80 5.35 1.19
N THR A 221 -0.42 4.89 1.06
CA THR A 221 -0.77 3.60 0.48
C THR A 221 -1.71 3.82 -0.71
N VAL A 222 -1.43 3.10 -1.81
CA VAL A 222 -2.07 3.34 -3.10
C VAL A 222 -2.67 1.97 -3.53
N LEU A 223 -3.97 1.79 -3.35
CA LEU A 223 -4.60 0.48 -3.36
C LEU A 223 -5.60 0.25 -4.43
N TYR A 224 -5.47 -0.84 -5.17
CA TYR A 224 -6.54 -1.32 -6.10
C TYR A 224 -7.25 -2.48 -5.39
N GLN A 225 -8.55 -2.56 -5.38
CA GLN A 225 -9.28 -3.73 -4.98
C GLN A 225 -10.34 -4.02 -5.93
N SER A 226 -10.73 -5.30 -6.04
CA SER A 226 -11.98 -5.71 -6.75
C SER A 226 -13.18 -5.08 -6.21
N ASN A 227 -14.31 -5.18 -6.93
CA ASN A 227 -15.57 -4.54 -6.59
C ASN A 227 -16.40 -5.39 -5.60
N VAL A 228 -15.84 -5.62 -4.45
CA VAL A 228 -16.51 -6.30 -3.34
C VAL A 228 -16.21 -5.45 -2.12
N GLN A 229 -17.25 -4.87 -1.54
CA GLN A 229 -17.09 -3.99 -0.41
C GLN A 229 -16.49 -4.77 0.79
N ASN A 230 -15.50 -4.18 1.44
CA ASN A 230 -14.88 -4.90 2.58
C ASN A 230 -14.22 -4.00 3.59
N LEU A 231 -13.67 -2.84 3.23
CA LEU A 231 -12.92 -2.01 4.14
C LEU A 231 -13.82 -1.16 5.02
N GLN A 232 -13.38 -0.96 6.26
CA GLN A 232 -14.04 -0.03 7.16
C GLN A 232 -13.00 0.87 7.81
N VAL A 233 -13.36 2.09 8.05
CA VAL A 233 -12.52 3.10 8.69
C VAL A 233 -13.11 3.56 9.99
N GLU A 234 -12.31 3.68 11.04
CA GLU A 234 -12.76 4.19 12.33
C GLU A 234 -12.80 5.72 12.22
N THR A 235 -13.94 6.27 12.57
CA THR A 235 -14.15 7.68 12.75
C THR A 235 -14.71 7.90 14.15
N ALA A 236 -14.85 9.17 14.53
CA ALA A 236 -15.45 9.51 15.81
C ALA A 236 -16.87 8.94 15.92
N ALA A 237 -17.56 8.85 14.79
CA ALA A 237 -18.88 8.24 14.74
C ALA A 237 -18.85 6.70 14.68
N GLY A 238 -17.67 6.08 14.78
CA GLY A 238 -17.60 4.62 14.83
C GLY A 238 -17.04 4.12 13.51
N TYR A 239 -17.01 2.82 13.32
CA TYR A 239 -16.53 2.28 12.04
C TYR A 239 -17.57 2.51 10.97
N GLN A 240 -17.09 2.94 9.80
CA GLN A 240 -17.94 3.25 8.67
C GLN A 240 -17.41 2.48 7.45
N ASP A 241 -18.29 2.06 6.56
CA ASP A 241 -17.98 1.28 5.36
C ASP A 241 -17.37 2.17 4.27
N ILE A 242 -16.28 1.72 3.70
CA ILE A 242 -15.66 2.36 2.53
C ILE A 242 -16.24 1.63 1.36
N GLU A 243 -16.92 2.31 0.47
CA GLU A 243 -17.52 1.67 -0.70
C GLU A 243 -16.42 1.26 -1.66
N ALA A 244 -16.62 0.17 -2.39
CA ALA A 244 -15.64 -0.30 -3.36
C ALA A 244 -15.76 0.53 -4.64
N ASP A 245 -14.66 0.64 -5.35
CA ASP A 245 -14.61 1.28 -6.68
C ASP A 245 -13.42 0.65 -7.39
N ASP A 246 -13.70 -0.33 -8.17
CA ASP A 246 -12.67 -1.07 -8.94
C ASP A 246 -12.18 -0.33 -10.20
N THR A 247 -12.52 0.96 -10.35
CA THR A 247 -11.93 1.78 -11.38
C THR A 247 -10.94 2.74 -10.82
N GLY A 248 -10.91 2.99 -9.54
CA GLY A 248 -10.08 3.97 -8.84
C GLY A 248 -9.01 3.34 -8.00
N TYR A 249 -8.11 4.15 -7.47
CA TYR A 249 -7.19 3.77 -6.43
C TYR A 249 -7.61 4.37 -5.10
N LEU A 250 -7.73 3.55 -4.08
CA LEU A 250 -8.02 4.04 -2.73
C LEU A 250 -6.72 4.50 -2.12
N ILE A 251 -6.65 5.74 -1.65
CA ILE A 251 -5.48 6.38 -1.10
C ILE A 251 -5.70 6.68 0.36
N ASN A 252 -4.67 6.44 1.18
CA ASN A 252 -4.64 6.92 2.57
C ASN A 252 -3.23 7.14 3.02
N CYS A 253 -3.06 7.88 4.11
CA CYS A 253 -1.76 8.08 4.77
C CYS A 253 -1.39 6.95 5.66
N GLY A 254 -0.08 6.69 5.75
CA GLY A 254 0.46 5.81 6.73
C GLY A 254 1.12 6.55 7.91
N SER A 255 1.64 5.80 8.87
CA SER A 255 2.10 6.43 10.10
C SER A 255 3.34 7.28 9.92
N TYR A 256 4.11 7.14 8.82
CA TYR A 256 5.23 8.09 8.62
C TYR A 256 4.70 9.46 8.30
N MET A 257 3.61 9.55 7.52
CA MET A 257 2.97 10.85 7.30
C MET A 257 2.43 11.49 8.56
N ALA A 258 1.83 10.66 9.38
CA ALA A 258 1.32 11.13 10.68
C ALA A 258 2.46 11.69 11.51
N HIS A 259 3.58 11.00 11.54
CA HIS A 259 4.74 11.49 12.29
C HIS A 259 5.23 12.82 11.75
N LEU A 260 5.45 12.92 10.45
CA LEU A 260 6.01 14.14 9.85
C LEU A 260 5.12 15.34 10.02
N THR A 261 3.79 15.14 10.07
CA THR A 261 2.84 16.21 10.13
C THR A 261 2.30 16.40 11.54
N ASN A 262 2.86 15.73 12.54
CA ASN A 262 2.38 15.82 13.92
C ASN A 262 0.93 15.50 14.06
N ASN A 263 0.51 14.46 13.35
CA ASN A 263 -0.83 13.91 13.34
C ASN A 263 -1.84 14.87 12.71
N TYR A 264 -1.41 15.91 11.98
CA TYR A 264 -2.33 16.75 11.18
C TYR A 264 -3.04 15.90 10.08
N TYR A 265 -2.24 15.11 9.38
CA TYR A 265 -2.76 14.04 8.51
C TYR A 265 -2.53 12.76 9.27
N LYS A 266 -3.58 12.28 9.94
CA LYS A 266 -3.56 11.04 10.72
C LYS A 266 -3.40 9.85 9.78
N ALA A 267 -2.80 8.76 10.24
CA ALA A 267 -2.88 7.49 9.59
C ALA A 267 -4.21 6.84 10.01
N PRO A 268 -5.20 6.74 9.15
CA PRO A 268 -6.50 6.27 9.66
C PRO A 268 -6.44 4.83 10.07
N ILE A 269 -7.15 4.50 11.12
CA ILE A 269 -7.32 3.13 11.58
C ILE A 269 -8.39 2.46 10.71
N HIS A 270 -8.11 1.28 10.19
CA HIS A 270 -9.03 0.60 9.31
C HIS A 270 -8.88 -0.88 9.48
N ARG A 271 -9.84 -1.61 8.95
CA ARG A 271 -9.95 -3.06 9.10
C ARG A 271 -10.63 -3.62 7.90
N VAL A 272 -10.53 -4.93 7.71
CA VAL A 272 -11.10 -5.65 6.57
C VAL A 272 -12.18 -6.62 7.05
N LYS A 273 -13.38 -6.41 6.62
CA LYS A 273 -14.49 -7.31 6.91
C LYS A 273 -14.28 -8.64 6.19
N TRP A 274 -14.74 -9.70 6.86
CA TRP A 274 -14.85 -11.01 6.27
C TRP A 274 -15.98 -10.99 5.22
N VAL A 275 -15.69 -11.41 4.01
CA VAL A 275 -16.67 -11.61 2.92
C VAL A 275 -16.29 -12.89 2.25
N ASN A 276 -17.23 -13.78 2.03
CA ASN A 276 -16.93 -15.06 1.35
C ASN A 276 -17.06 -14.87 -0.15
N ALA A 277 -16.05 -14.27 -0.74
CA ALA A 277 -16.00 -13.89 -2.13
C ALA A 277 -14.57 -13.98 -2.62
N GLU A 278 -14.39 -14.45 -3.84
CA GLU A 278 -13.10 -14.44 -4.54
C GLU A 278 -12.74 -13.07 -4.94
N ARG A 279 -11.68 -12.45 -4.42
CA ARG A 279 -11.37 -11.08 -4.70
C ARG A 279 -9.91 -10.80 -4.60
N GLN A 280 -9.50 -9.60 -4.96
CA GLN A 280 -8.13 -9.11 -5.00
C GLN A 280 -7.94 -7.87 -4.20
N SER A 281 -6.83 -7.76 -3.51
CA SER A 281 -6.39 -6.55 -2.79
C SER A 281 -4.95 -6.31 -3.14
N LEU A 282 -4.63 -5.25 -3.90
CA LEU A 282 -3.33 -5.05 -4.56
C LEU A 282 -2.75 -3.71 -4.11
N PRO A 283 -2.24 -3.62 -2.89
CA PRO A 283 -1.61 -2.38 -2.44
C PRO A 283 -0.23 -2.13 -2.97
N PHE A 284 0.09 -0.86 -3.11
CA PHE A 284 1.46 -0.32 -3.30
C PHE A 284 1.74 0.57 -2.09
N PHE A 285 2.74 0.16 -1.31
CA PHE A 285 3.18 0.94 -0.11
C PHE A 285 4.22 1.88 -0.54
N VAL A 286 3.91 3.17 -0.46
CA VAL A 286 4.86 4.23 -0.86
C VAL A 286 5.81 4.46 0.31
N ASN A 287 7.01 3.90 0.16
CA ASN A 287 8.12 4.03 1.14
C ASN A 287 9.22 4.86 0.49
N LEU A 288 9.96 5.62 1.25
CA LEU A 288 11.10 6.40 0.81
C LEU A 288 12.40 5.57 0.79
N GLY A 289 13.54 6.22 0.69
CA GLY A 289 14.78 5.51 0.78
C GLY A 289 15.20 5.21 2.19
N TYR A 290 16.18 4.35 2.36
CA TYR A 290 16.61 3.91 3.70
C TYR A 290 17.12 5.08 4.55
N ASP A 291 17.83 5.99 3.93
CA ASP A 291 18.43 7.12 4.65
C ASP A 291 17.57 8.37 4.59
N SER A 292 16.42 8.33 3.95
CA SER A 292 15.59 9.52 3.82
C SER A 292 15.13 10.03 5.17
N VAL A 293 15.25 11.32 5.41
CA VAL A 293 14.72 11.87 6.65
C VAL A 293 13.98 13.15 6.24
N ILE A 294 12.74 13.27 6.66
CA ILE A 294 12.06 14.56 6.53
C ILE A 294 11.91 15.18 7.93
N ASP A 295 12.30 16.43 8.13
CA ASP A 295 12.17 17.02 9.42
C ASP A 295 10.70 17.20 9.79
N PRO A 296 10.25 16.69 10.92
CA PRO A 296 8.87 16.85 11.27
C PRO A 296 8.44 18.29 11.40
N PHE A 297 7.20 18.57 11.13
CA PHE A 297 6.64 19.90 11.17
C PHE A 297 5.19 19.81 11.68
N ASP A 298 4.56 20.95 11.90
CA ASP A 298 3.16 21.00 12.36
C ASP A 298 2.46 22.16 11.63
N PRO A 299 1.68 21.92 10.58
CA PRO A 299 0.93 22.94 9.79
C PRO A 299 -0.25 23.63 10.49
N ARG A 300 -0.49 23.22 11.72
CA ARG A 300 -1.40 24.00 12.60
C ARG A 300 -0.80 25.22 13.51
N GLU A 301 0.53 25.26 13.65
CA GLU A 301 1.28 26.20 14.48
C GLU A 301 1.79 27.31 13.58
N PRO A 302 1.63 28.59 13.99
CA PRO A 302 2.20 29.78 13.30
C PRO A 302 3.65 29.48 12.76
N ASN A 303 4.54 28.94 13.59
CA ASN A 303 5.94 28.73 13.15
C ASN A 303 6.26 27.34 12.57
N GLY A 304 5.24 26.53 12.32
CA GLY A 304 5.40 25.21 11.82
C GLY A 304 6.20 24.20 12.64
N LYS A 305 6.60 24.54 13.87
CA LYS A 305 7.53 23.60 14.59
C LYS A 305 6.80 22.48 15.30
N SER A 306 7.45 21.32 15.39
CA SER A 306 6.84 20.17 16.03
C SER A 306 7.78 19.70 17.15
N ASP A 307 7.24 19.07 18.18
CA ASP A 307 8.11 18.48 19.23
C ASP A 307 8.36 17.00 19.01
N ARG A 308 8.44 16.61 17.76
CA ARG A 308 8.82 15.26 17.37
C ARG A 308 10.23 15.20 16.82
N GLU A 309 10.91 14.09 17.03
CA GLU A 309 12.27 13.97 16.56
C GLU A 309 12.33 13.38 15.16
N PRO A 310 13.28 13.80 14.35
CA PRO A 310 13.48 13.23 13.04
C PRO A 310 13.72 11.73 13.11
N LEU A 311 13.13 11.03 12.16
CA LEU A 311 13.19 9.57 12.10
C LEU A 311 13.52 9.20 10.70
N SER A 312 14.58 8.43 10.47
CA SER A 312 14.92 8.01 9.11
C SER A 312 13.88 7.00 8.65
N TYR A 313 13.66 6.94 7.35
CA TYR A 313 12.63 6.03 6.83
C TYR A 313 13.03 4.62 7.02
N GLY A 314 14.31 4.28 6.90
CA GLY A 314 14.76 2.94 7.16
C GLY A 314 14.57 2.48 8.59
N ASP A 315 14.80 3.35 9.56
CA ASP A 315 14.49 3.04 10.95
C ASP A 315 12.98 2.79 11.14
N TYR A 316 12.18 3.68 10.60
CA TYR A 316 10.72 3.55 10.65
C TYR A 316 10.24 2.22 10.09
N LEU A 317 10.74 1.85 8.89
CA LEU A 317 10.25 0.69 8.15
C LEU A 317 10.68 -0.57 8.85
N GLN A 318 11.94 -0.66 9.22
CA GLN A 318 12.41 -1.89 9.88
C GLN A 318 11.59 -2.11 11.15
N ASN A 319 11.35 -1.07 11.93
CA ASN A 319 10.53 -1.20 13.17
C ASN A 319 9.07 -1.58 12.84
N GLY A 320 8.48 -0.97 11.83
CA GLY A 320 7.09 -1.23 11.47
C GLY A 320 6.76 -2.55 10.90
N LEU A 321 7.67 -3.14 10.15
CA LEU A 321 7.39 -4.41 9.46
C LEU A 321 7.38 -5.63 10.38
N VAL A 322 7.95 -5.46 11.57
CA VAL A 322 7.75 -6.48 12.64
C VAL A 322 6.24 -6.69 12.99
FE FE B . -3.77 -1.16 5.76
C1 ACV C . 6.40 -5.21 2.58
C2 ACV C . 5.02 -5.87 2.73
C3 ACV C . 4.28 -5.17 3.86
C4 ACV C . 2.81 -5.68 4.06
C7 ACV C . 2.25 -4.94 5.23
C10 ACV C . 0.87 -5.31 5.63
N11 ACV C . -0.13 -5.13 4.77
C12 ACV C . -1.56 -5.26 5.12
C13 ACV C . -2.35 -5.29 3.81
N14 ACV C . 5.17 -7.30 2.93
O15 ACV C . 0.65 -5.72 6.76
C16 ACV C . -2.06 -4.18 6.02
S17 ACV C . -1.81 -2.52 5.26
O18 ACV C . -1.78 -4.99 2.75
O19 ACV C . 7.40 -5.93 2.86
O20 ACV C . 6.45 -4.03 2.24
N29 ACV C . -3.63 -5.61 3.91
C30 ACV C . -4.57 -5.39 2.80
C31 ACV C . -5.69 -6.39 2.88
C32 ACV C . -5.16 -3.98 2.50
C32 ACV C . -5.12 -4.03 3.24
C33 ACV C . -5.96 -3.41 3.65
C33 ACV C . -5.93 -3.44 2.08
C37 ACV C . -4.11 -2.95 2.03
C37 ACV C . -5.96 -4.08 4.53
O42 ACV C . -6.51 -6.34 1.98
O43 ACV C . -5.77 -7.18 3.87
C7 ACV D . 5.11 -11.34 7.90
C10 ACV D . 3.63 -11.39 7.64
N11 ACV D . 2.99 -10.26 7.61
C12 ACV D . 1.59 -10.17 7.26
C13 ACV D . 1.40 -10.21 5.77
O15 ACV D . 3.06 -12.45 7.41
C16 ACV D . 1.05 -8.81 7.69
S17 ACV D . 1.00 -8.49 9.49
O18 ACV D . 2.11 -9.56 5.01
N29 ACV D . 0.38 -10.95 5.36
C30 ACV D . -0.01 -11.15 3.96
C31 ACV D . -0.43 -12.61 3.75
C32 ACV D . -1.20 -10.23 3.51
C33 ACV D . -2.44 -10.46 4.34
C37 ACV D . -0.83 -8.79 3.57
O42 ACV D . -0.74 -13.02 2.61
O43 ACV D . -0.47 -13.43 4.72
C MEE E . 0.81 -11.38 10.53
S MEE E . -0.35 -10.06 10.16
S SO4 F . 3.73 -5.27 -20.09
O1 SO4 F . 4.77 -6.22 -19.61
O2 SO4 F . 4.47 -4.08 -20.58
O3 SO4 F . 3.10 -5.89 -21.34
O4 SO4 F . 2.75 -4.38 -19.22
#